data_4DA6
#
_entry.id   4DA6
#
_cell.length_a   135.551
_cell.length_b   135.551
_cell.length_c   57.772
_cell.angle_alpha   90.000
_cell.angle_beta   90.000
_cell.angle_gamma   120.000
#
_symmetry.space_group_name_H-M   'P 63 2 2'
#
loop_
_entity.id
_entity.type
_entity.pdbx_description
1 polymer 'Purine nucleoside phosphorylase deoD-type'
2 non-polymer 9-(1,3-DIHYDROXY-PROPOXYMETHANE)GUANINE
3 non-polymer 'DIMETHYL SULFOXIDE'
4 non-polymer GLYCEROL
5 non-polymer 'CHLORIDE ION'
6 water water
#
_entity_poly.entity_id   1
_entity_poly.type   'polypeptide(L)'
_entity_poly.pdbx_seq_one_letter_code
;MGSSHHHHHHSSGLVPRGSHMSVHIGAEKGQIADTVLLPGDPLRAKFIAETYLENVECYNEVRGMYGFTGTYKGKKISVQ
GTGMGVPSISIYVNELIQSYDVQNLIRVGSCGAIRKDVKVRDVILAMTSSTDSQMNRVAFGSVDFAPCADFELLKNAYDA
AKDKGVPVTVGSVFTADQFYNDDSQIEKLAKYGVLGVEMETTALYTLAAKHGRKALSILTVSDHVLTGEETTAEERQTTF
HDMIDVALHSVSQ
;
_entity_poly.pdbx_strand_id   A
#
# COMPACT_ATOMS: atom_id res chain seq x y z
N SER A 22 0.51 17.28 -13.88
CA SER A 22 -0.36 16.11 -14.25
C SER A 22 -1.82 16.44 -14.01
N VAL A 23 -2.72 15.67 -14.62
CA VAL A 23 -4.13 15.94 -14.62
C VAL A 23 -4.74 16.00 -13.21
N HIS A 24 -4.31 15.12 -12.31
CA HIS A 24 -4.98 15.00 -11.01
C HIS A 24 -4.14 15.44 -9.82
N ILE A 25 -2.91 15.90 -10.07
CA ILE A 25 -2.02 16.30 -8.97
C ILE A 25 -1.51 17.71 -9.24
N GLY A 26 -1.75 18.64 -8.32
CA GLY A 26 -1.37 20.04 -8.55
C GLY A 26 0.05 20.44 -8.21
N ALA A 27 0.99 19.51 -8.20
CA ALA A 27 2.36 19.80 -7.76
C ALA A 27 3.27 20.34 -8.87
N GLU A 28 4.33 21.03 -8.46
CA GLU A 28 5.35 21.53 -9.38
C GLU A 28 6.58 20.62 -9.35
N LYS A 29 7.44 20.82 -10.33
CA LYS A 29 8.73 20.13 -10.41
C LYS A 29 9.50 20.09 -9.07
N GLY A 30 9.88 18.89 -8.66
CA GLY A 30 10.69 18.71 -7.45
C GLY A 30 9.91 18.78 -6.15
N GLN A 31 8.61 19.03 -6.21
CA GLN A 31 7.84 19.11 -4.97
C GLN A 31 7.57 17.75 -4.37
N ILE A 32 7.60 16.72 -5.20
CA ILE A 32 7.38 15.33 -4.71
C ILE A 32 8.68 14.59 -4.61
N ALA A 33 8.91 13.89 -3.50
CA ALA A 33 10.15 13.16 -3.23
C ALA A 33 10.30 11.91 -4.11
N ASP A 34 11.50 11.33 -4.10
CA ASP A 34 11.82 10.06 -4.79
C ASP A 34 10.98 8.91 -4.21
N THR A 35 10.63 9.04 -2.93
CA THR A 35 9.93 8.00 -2.18
C THR A 35 8.57 8.55 -1.75
N VAL A 36 7.49 7.83 -2.04
CA VAL A 36 6.15 8.28 -1.68
C VAL A 36 5.43 7.15 -0.97
N LEU A 37 4.91 7.45 0.20
CA LEU A 37 3.96 6.57 0.91
C LEU A 37 2.55 6.78 0.38
N LEU A 38 1.79 5.69 0.27
CA LEU A 38 0.52 5.71 -0.43
C LEU A 38 -0.63 5.13 0.41
N PRO A 39 -1.14 5.90 1.38
CA PRO A 39 -2.39 5.52 2.06
C PRO A 39 -3.58 5.72 1.13
N GLY A 40 -4.66 4.98 1.34
CA GLY A 40 -5.87 5.20 0.55
C GLY A 40 -6.62 6.47 0.93
N ASP A 41 -6.62 6.79 2.23
CA ASP A 41 -7.43 7.89 2.74
C ASP A 41 -6.57 9.17 2.80
N PRO A 42 -6.96 10.23 2.09
CA PRO A 42 -6.18 11.49 2.12
C PRO A 42 -6.08 12.15 3.51
N LEU A 43 -7.05 11.88 4.38
CA LEU A 43 -6.97 12.39 5.76
C LEU A 43 -5.92 11.63 6.56
N ARG A 44 -5.66 10.36 6.18
CA ARG A 44 -4.54 9.61 6.75
CA ARG A 44 -4.54 9.63 6.77
C ARG A 44 -3.21 10.07 6.18
N ALA A 45 -3.23 10.53 4.92
CA ALA A 45 -2.00 11.08 4.35
C ALA A 45 -1.58 12.29 5.19
N LYS A 46 -2.57 13.13 5.51
CA LYS A 46 -2.34 14.33 6.33
C LYS A 46 -1.82 13.93 7.69
N PHE A 47 -2.48 12.94 8.30
CA PHE A 47 -2.09 12.49 9.63
C PHE A 47 -0.65 11.96 9.64
N ILE A 48 -0.30 11.14 8.64
CA ILE A 48 1.06 10.63 8.55
C ILE A 48 2.12 11.75 8.43
N ALA A 49 1.92 12.66 7.50
CA ALA A 49 2.91 13.69 7.24
C ALA A 49 3.08 14.57 8.50
N GLU A 50 1.96 14.96 9.11
CA GLU A 50 2.03 15.88 10.26
C GLU A 50 2.57 15.22 11.52
N THR A 51 2.29 13.93 11.69
CA THR A 51 2.73 13.15 12.86
C THR A 51 4.18 12.70 12.77
N TYR A 52 4.67 12.37 11.56
CA TYR A 52 5.96 11.69 11.38
C TYR A 52 7.07 12.53 10.73
N LEU A 53 6.68 13.56 10.00
CA LEU A 53 7.66 14.31 9.19
C LEU A 53 7.85 15.75 9.66
N GLU A 54 9.03 16.28 9.37
CA GLU A 54 9.33 17.67 9.64
C GLU A 54 9.19 18.49 8.36
N ASN A 55 8.99 19.81 8.54
CA ASN A 55 9.03 20.77 7.45
C ASN A 55 8.11 20.39 6.29
N VAL A 56 6.86 20.15 6.65
CA VAL A 56 5.85 19.61 5.74
C VAL A 56 5.20 20.69 4.91
N GLU A 57 5.11 20.44 3.60
CA GLU A 57 4.35 21.27 2.69
C GLU A 57 3.28 20.38 2.05
N CYS A 58 2.11 20.93 1.81
CA CYS A 58 1.09 20.25 1.04
C CYS A 58 1.25 20.68 -0.42
N TYR A 59 1.55 19.72 -1.29
CA TYR A 59 1.73 20.04 -2.71
C TYR A 59 0.49 19.77 -3.56
N ASN A 60 -0.53 19.11 -3.00
CA ASN A 60 -1.71 18.83 -3.78
C ASN A 60 -3.00 18.90 -2.98
N GLU A 61 -3.98 19.65 -3.48
CA GLU A 61 -5.33 19.71 -2.90
C GLU A 61 -6.44 19.36 -3.89
N VAL A 62 -6.05 19.03 -5.13
CA VAL A 62 -6.99 18.70 -6.18
C VAL A 62 -7.84 17.50 -5.72
N ARG A 63 -9.17 17.65 -5.84
CA ARG A 63 -10.16 16.66 -5.39
CA ARG A 63 -10.15 16.65 -5.40
C ARG A 63 -10.08 16.33 -3.90
N GLY A 64 -9.36 17.16 -3.15
CA GLY A 64 -9.10 16.90 -1.74
C GLY A 64 -8.26 15.66 -1.47
N MET A 65 -7.61 15.16 -2.52
CA MET A 65 -6.75 14.00 -2.40
C MET A 65 -5.33 14.41 -2.05
N TYR A 66 -5.16 14.81 -0.79
CA TYR A 66 -3.95 15.49 -0.35
C TYR A 66 -2.65 14.73 -0.56
N GLY A 67 -1.62 15.46 -0.94
CA GLY A 67 -0.26 14.97 -0.99
C GLY A 67 0.64 15.97 -0.27
N PHE A 68 1.63 15.44 0.43
CA PHE A 68 2.50 16.25 1.30
C PHE A 68 3.93 15.79 1.12
N THR A 69 4.86 16.70 1.32
CA THR A 69 6.27 16.35 1.37
C THR A 69 6.92 16.96 2.63
N GLY A 70 7.75 16.19 3.29
CA GLY A 70 8.48 16.61 4.52
C GLY A 70 9.76 15.81 4.59
N THR A 71 10.44 15.88 5.72
CA THR A 71 11.64 15.09 5.90
C THR A 71 11.52 14.11 7.06
N TYR A 72 12.18 12.97 6.93
CA TYR A 72 12.30 12.02 7.99
C TYR A 72 13.78 11.74 8.11
N LYS A 73 14.32 12.08 9.28
CA LYS A 73 15.75 11.99 9.53
C LYS A 73 16.58 12.67 8.45
N GLY A 74 16.11 13.84 8.01
CA GLY A 74 16.83 14.68 7.06
C GLY A 74 16.72 14.23 5.61
N LYS A 75 15.81 13.30 5.33
CA LYS A 75 15.58 12.82 3.96
C LYS A 75 14.14 13.10 3.55
N LYS A 76 13.98 13.68 2.35
CA LYS A 76 12.69 14.01 1.73
C LYS A 76 11.84 12.74 1.53
N ILE A 77 10.58 12.84 1.96
CA ILE A 77 9.60 11.73 1.89
CA ILE A 77 9.61 11.76 1.74
C ILE A 77 8.25 12.38 1.51
N SER A 78 7.48 11.78 0.59
CA SER A 78 6.16 12.28 0.29
C SER A 78 5.10 11.27 0.75
N VAL A 79 3.89 11.78 0.92
CA VAL A 79 2.74 10.97 1.35
C VAL A 79 1.54 11.45 0.55
N GLN A 80 0.99 10.55 -0.27
CA GLN A 80 -0.04 10.88 -1.24
C GLN A 80 -1.23 9.94 -1.10
N GLY A 81 -2.42 10.50 -0.84
CA GLY A 81 -3.66 9.69 -0.79
C GLY A 81 -3.94 9.12 -2.17
N THR A 82 -4.49 7.90 -2.22
CA THR A 82 -4.75 7.27 -3.52
C THR A 82 -6.22 7.11 -3.87
N GLY A 83 -7.10 7.23 -2.88
CA GLY A 83 -8.52 6.85 -3.06
C GLY A 83 -8.60 5.32 -3.03
N MET A 84 -9.81 4.80 -3.25
CA MET A 84 -10.10 3.36 -3.09
C MET A 84 -10.31 2.71 -4.45
N GLY A 85 -9.65 1.56 -4.65
CA GLY A 85 -9.87 0.77 -5.85
C GLY A 85 -8.79 0.95 -6.89
N VAL A 86 -8.58 -0.10 -7.67
CA VAL A 86 -7.61 -0.11 -8.76
C VAL A 86 -7.65 1.15 -9.66
N PRO A 87 -8.84 1.57 -10.11
CA PRO A 87 -8.85 2.76 -11.03
C PRO A 87 -8.31 4.04 -10.37
N SER A 88 -8.60 4.20 -9.08
CA SER A 88 -8.21 5.45 -8.40
C SER A 88 -6.71 5.42 -8.16
N ILE A 89 -6.19 4.33 -7.56
CA ILE A 89 -4.76 4.29 -7.30
C ILE A 89 -3.96 4.33 -8.61
N SER A 90 -4.53 3.77 -9.69
CA SER A 90 -3.79 3.74 -10.98
C SER A 90 -3.57 5.16 -11.50
N ILE A 91 -4.57 6.00 -11.31
CA ILE A 91 -4.41 7.43 -11.71
C ILE A 91 -3.21 8.05 -10.97
N TYR A 92 -3.18 7.91 -9.65
CA TYR A 92 -2.12 8.57 -8.87
C TYR A 92 -0.77 7.95 -9.13
N VAL A 93 -0.71 6.62 -9.14
CA VAL A 93 0.55 5.97 -9.42
C VAL A 93 1.12 6.31 -10.80
N ASN A 94 0.27 6.29 -11.83
CA ASN A 94 0.72 6.67 -13.18
C ASN A 94 1.26 8.10 -13.21
N GLU A 95 0.55 9.04 -12.59
CA GLU A 95 1.02 10.45 -12.61
C GLU A 95 2.30 10.69 -11.77
N LEU A 96 2.39 10.03 -10.61
CA LEU A 96 3.59 10.13 -9.76
C LEU A 96 4.82 9.62 -10.54
N ILE A 97 4.66 8.51 -11.26
CA ILE A 97 5.77 7.94 -11.99
C ILE A 97 6.12 8.76 -13.22
N GLN A 98 5.11 9.09 -14.02
CA GLN A 98 5.33 9.67 -15.36
CA GLN A 98 5.27 9.68 -15.37
C GLN A 98 5.62 11.17 -15.31
N SER A 99 4.94 11.89 -14.42
CA SER A 99 5.12 13.35 -14.32
C SER A 99 6.11 13.79 -13.25
N TYR A 100 6.27 13.00 -12.19
CA TYR A 100 7.15 13.40 -11.08
C TYR A 100 8.35 12.49 -10.85
N ASP A 101 8.52 11.49 -11.72
CA ASP A 101 9.71 10.63 -11.69
C ASP A 101 9.94 9.90 -10.35
N VAL A 102 8.85 9.53 -9.70
CA VAL A 102 8.94 8.87 -8.40
C VAL A 102 9.57 7.48 -8.53
N GLN A 103 10.45 7.11 -7.61
CA GLN A 103 11.21 5.88 -7.72
C GLN A 103 10.67 4.75 -6.85
N ASN A 104 10.28 5.09 -5.62
CA ASN A 104 9.85 4.09 -4.63
C ASN A 104 8.44 4.41 -4.20
N LEU A 105 7.53 3.44 -4.32
CA LEU A 105 6.14 3.68 -4.06
C LEU A 105 5.65 2.66 -3.02
N ILE A 106 5.28 3.12 -1.85
CA ILE A 106 4.97 2.19 -0.75
C ILE A 106 3.56 2.42 -0.25
N ARG A 107 2.66 1.49 -0.55
CA ARG A 107 1.30 1.61 -0.07
C ARG A 107 1.34 1.24 1.41
N VAL A 108 0.65 2.04 2.20
CA VAL A 108 0.45 1.80 3.62
C VAL A 108 -1.05 1.81 3.87
N GLY A 109 -1.62 0.64 4.12
CA GLY A 109 -3.06 0.59 4.28
C GLY A 109 -3.48 -0.59 5.11
N SER A 110 -4.74 -0.98 4.97
CA SER A 110 -5.28 -2.12 5.71
C SER A 110 -5.93 -3.13 4.78
N CYS A 111 -6.24 -4.30 5.32
CA CYS A 111 -6.92 -5.31 4.55
C CYS A 111 -7.78 -6.12 5.48
N GLY A 112 -8.78 -6.80 4.94
CA GLY A 112 -9.60 -7.68 5.76
C GLY A 112 -8.94 -9.04 5.77
N ALA A 113 -8.57 -9.54 6.95
CA ALA A 113 -7.90 -10.84 7.01
C ALA A 113 -8.88 -11.94 6.67
N ILE A 114 -8.42 -12.94 5.91
CA ILE A 114 -9.31 -14.02 5.49
C ILE A 114 -8.86 -15.37 6.05
N ARG A 115 -7.88 -15.33 6.93
CA ARG A 115 -7.40 -16.57 7.61
C ARG A 115 -7.25 -16.32 9.10
N LYS A 116 -7.57 -17.35 9.90
CA LYS A 116 -7.39 -17.29 11.35
C LYS A 116 -5.91 -17.07 11.73
N ASP A 117 -4.99 -17.65 10.96
CA ASP A 117 -3.56 -17.54 11.28
C ASP A 117 -2.98 -16.15 11.02
N VAL A 118 -3.79 -15.27 10.42
CA VAL A 118 -3.38 -13.88 10.29
C VAL A 118 -3.88 -13.16 11.51
N LYS A 119 -2.95 -12.81 12.40
CA LYS A 119 -3.37 -12.24 13.68
C LYS A 119 -3.60 -10.75 13.57
N VAL A 120 -4.44 -10.22 14.47
CA VAL A 120 -4.81 -8.80 14.42
C VAL A 120 -3.64 -7.86 14.52
N ARG A 121 -2.55 -8.29 15.19
CA ARG A 121 -1.36 -7.47 15.30
C ARG A 121 -0.32 -7.66 14.20
N ASP A 122 -0.54 -8.60 13.27
CA ASP A 122 0.46 -8.87 12.23
C ASP A 122 0.53 -7.71 11.22
N VAL A 123 1.75 -7.29 10.89
CA VAL A 123 1.99 -6.39 9.75
C VAL A 123 2.27 -7.28 8.54
N ILE A 124 1.51 -7.07 7.45
CA ILE A 124 1.60 -7.92 6.27
C ILE A 124 2.45 -7.21 5.21
N LEU A 125 3.43 -7.95 4.69
CA LEU A 125 4.21 -7.50 3.52
C LEU A 125 3.73 -8.35 2.33
N ALA A 126 3.16 -7.69 1.33
CA ALA A 126 2.60 -8.45 0.17
C ALA A 126 3.66 -8.77 -0.89
N MET A 127 3.94 -10.05 -1.11
CA MET A 127 4.86 -10.44 -2.16
CA MET A 127 4.85 -10.48 -2.16
C MET A 127 4.20 -10.28 -3.53
N THR A 128 2.88 -10.48 -3.54
CA THR A 128 2.11 -10.47 -4.79
C THR A 128 0.64 -10.34 -4.40
N SER A 129 -0.21 -10.20 -5.40
CA SER A 129 -1.66 -10.10 -5.18
CA SER A 129 -1.66 -10.12 -5.17
C SER A 129 -2.43 -10.74 -6.32
N SER A 130 -3.51 -11.44 -5.97
CA SER A 130 -4.52 -11.96 -6.89
C SER A 130 -5.51 -10.81 -7.12
N THR A 131 -6.37 -10.94 -8.11
CA THR A 131 -7.36 -9.88 -8.28
C THR A 131 -8.60 -10.37 -9.03
N ASP A 132 -9.71 -9.64 -8.89
CA ASP A 132 -10.81 -9.78 -9.84
C ASP A 132 -10.92 -8.54 -10.74
N SER A 133 -9.93 -7.66 -10.66
CA SER A 133 -9.86 -6.57 -11.65
C SER A 133 -9.54 -7.17 -13.03
N GLN A 134 -10.09 -6.58 -14.09
CA GLN A 134 -9.75 -7.02 -15.44
C GLN A 134 -8.51 -6.31 -15.99
N MET A 135 -7.85 -5.46 -15.17
CA MET A 135 -6.79 -4.61 -15.74
C MET A 135 -5.70 -5.39 -16.47
N ASN A 136 -5.33 -6.55 -15.94
CA ASN A 136 -4.26 -7.28 -16.58
C ASN A 136 -4.76 -8.17 -17.71
N ARG A 137 -5.99 -8.69 -17.61
CA ARG A 137 -6.55 -9.39 -18.78
C ARG A 137 -6.76 -8.45 -19.97
N VAL A 138 -7.03 -7.17 -19.68
CA VAL A 138 -7.14 -6.18 -20.76
C VAL A 138 -5.81 -6.10 -21.53
N ALA A 139 -4.70 -6.17 -20.82
CA ALA A 139 -3.36 -6.13 -21.44
C ALA A 139 -2.88 -7.44 -21.98
N PHE A 140 -3.21 -8.56 -21.30
CA PHE A 140 -2.55 -9.85 -21.58
C PHE A 140 -3.48 -10.94 -22.08
N GLY A 141 -4.79 -10.74 -22.01
CA GLY A 141 -5.74 -11.72 -22.51
C GLY A 141 -5.63 -13.04 -21.77
N SER A 142 -5.18 -14.08 -22.46
CA SER A 142 -5.18 -15.43 -21.87
CA SER A 142 -5.16 -15.44 -21.89
C SER A 142 -4.10 -15.61 -20.80
N VAL A 143 -3.26 -14.62 -20.59
CA VAL A 143 -2.21 -14.77 -19.58
C VAL A 143 -2.73 -14.28 -18.22
N ASP A 144 -2.43 -15.05 -17.16
CA ASP A 144 -2.63 -14.60 -15.80
C ASP A 144 -1.33 -13.87 -15.42
N PHE A 145 -1.39 -12.55 -15.27
CA PHE A 145 -0.20 -11.80 -14.87
C PHE A 145 -0.13 -11.73 -13.35
N ALA A 146 0.99 -12.20 -12.79
CA ALA A 146 1.21 -12.16 -11.35
C ALA A 146 2.09 -10.95 -11.02
N PRO A 147 1.51 -9.93 -10.39
CA PRO A 147 2.33 -8.75 -10.02
C PRO A 147 3.37 -9.15 -8.96
N CYS A 148 4.43 -8.36 -8.82
CA CYS A 148 5.51 -8.80 -7.95
C CYS A 148 6.04 -7.58 -7.18
N ALA A 149 6.12 -7.68 -5.86
CA ALA A 149 6.74 -6.61 -5.04
C ALA A 149 8.23 -6.47 -5.38
N ASP A 150 8.77 -5.27 -5.18
CA ASP A 150 10.21 -5.13 -5.30
C ASP A 150 10.88 -5.80 -4.08
N PHE A 151 11.74 -6.79 -4.35
CA PHE A 151 12.28 -7.60 -3.26
C PHE A 151 13.18 -6.73 -2.34
N GLU A 152 13.91 -5.79 -2.91
CA GLU A 152 14.75 -4.91 -2.07
C GLU A 152 13.92 -4.15 -1.04
N LEU A 153 12.83 -3.48 -1.47
CA LEU A 153 11.95 -2.82 -0.53
C LEU A 153 11.37 -3.79 0.50
N LEU A 154 10.91 -4.94 0.02
CA LEU A 154 10.24 -5.93 0.89
C LEU A 154 11.21 -6.43 1.95
N LYS A 155 12.43 -6.76 1.52
CA LYS A 155 13.46 -7.27 2.45
C LYS A 155 13.82 -6.21 3.48
N ASN A 156 13.95 -4.94 3.05
CA ASN A 156 14.26 -3.86 4.00
C ASN A 156 13.18 -3.70 5.04
N ALA A 157 11.93 -3.76 4.58
CA ALA A 157 10.80 -3.70 5.49
C ALA A 157 10.77 -4.87 6.45
N TYR A 158 11.03 -6.07 5.93
CA TYR A 158 11.07 -7.28 6.75
C TYR A 158 12.17 -7.13 7.83
N ASP A 159 13.36 -6.74 7.39
CA ASP A 159 14.50 -6.49 8.33
C ASP A 159 14.15 -5.48 9.42
N ALA A 160 13.50 -4.38 9.02
CA ALA A 160 13.14 -3.30 9.97
C ALA A 160 12.15 -3.83 11.02
N ALA A 161 11.18 -4.64 10.60
CA ALA A 161 10.21 -5.26 11.51
C ALA A 161 10.93 -6.22 12.46
N LYS A 162 11.74 -7.11 11.91
CA LYS A 162 12.44 -8.11 12.74
C LYS A 162 13.38 -7.45 13.75
N ASP A 163 14.04 -6.36 13.36
CA ASP A 163 15.00 -5.66 14.22
CA ASP A 163 15.00 -5.70 14.24
C ASP A 163 14.37 -5.18 15.52
N LYS A 164 13.11 -4.72 15.43
CA LYS A 164 12.37 -4.14 16.54
C LYS A 164 11.45 -5.16 17.24
N GLY A 165 11.20 -6.30 16.60
CA GLY A 165 10.31 -7.36 17.12
C GLY A 165 8.85 -7.12 16.73
N VAL A 166 8.62 -6.30 15.71
CA VAL A 166 7.28 -6.12 15.15
C VAL A 166 6.88 -7.43 14.43
N PRO A 167 5.72 -8.00 14.81
CA PRO A 167 5.32 -9.25 14.14
C PRO A 167 4.99 -8.96 12.68
N VAL A 168 5.52 -9.79 11.80
CA VAL A 168 5.42 -9.55 10.38
C VAL A 168 5.11 -10.87 9.68
N THR A 169 4.24 -10.81 8.66
CA THR A 169 3.85 -12.00 7.93
C THR A 169 3.99 -11.62 6.46
N VAL A 170 4.66 -12.48 5.72
CA VAL A 170 4.94 -12.20 4.32
C VAL A 170 4.16 -13.19 3.46
N GLY A 171 3.37 -12.67 2.52
CA GLY A 171 2.58 -13.59 1.71
C GLY A 171 1.80 -12.80 0.69
N SER A 172 0.68 -13.36 0.22
CA SER A 172 -0.09 -12.71 -0.82
C SER A 172 -1.40 -12.09 -0.33
N VAL A 173 -1.95 -11.15 -1.10
CA VAL A 173 -3.26 -10.56 -0.77
C VAL A 173 -4.17 -10.66 -2.00
N PHE A 174 -5.41 -10.25 -1.85
CA PHE A 174 -6.34 -10.21 -2.98
C PHE A 174 -6.79 -8.76 -3.16
N THR A 175 -6.71 -8.27 -4.41
CA THR A 175 -7.14 -6.94 -4.77
C THR A 175 -8.53 -7.01 -5.36
N ALA A 176 -9.49 -6.51 -4.61
CA ALA A 176 -10.92 -6.62 -4.95
C ALA A 176 -11.40 -5.36 -5.62
N ASP A 177 -12.25 -5.52 -6.64
CA ASP A 177 -13.02 -4.37 -7.15
C ASP A 177 -14.28 -4.05 -6.36
N GLN A 178 -14.86 -5.05 -5.69
CA GLN A 178 -16.15 -4.89 -5.01
C GLN A 178 -16.01 -5.13 -3.52
N PHE A 179 -15.99 -4.03 -2.76
CA PHE A 179 -15.98 -4.15 -1.28
C PHE A 179 -17.19 -4.99 -0.83
N TYR A 180 -18.32 -4.81 -1.51
CA TYR A 180 -19.53 -5.59 -1.29
C TYR A 180 -19.72 -6.51 -2.48
N ASN A 181 -19.28 -7.75 -2.33
CA ASN A 181 -19.25 -8.65 -3.49
C ASN A 181 -20.13 -9.87 -3.22
N ASP A 182 -21.26 -9.94 -3.91
CA ASP A 182 -22.17 -11.09 -3.79
C ASP A 182 -21.53 -12.41 -4.27
N ASP A 183 -20.45 -12.31 -5.07
CA ASP A 183 -19.80 -13.46 -5.71
C ASP A 183 -18.36 -13.66 -5.19
N SER A 184 -18.16 -13.27 -3.94
CA SER A 184 -16.80 -13.29 -3.36
C SER A 184 -16.28 -14.73 -3.31
N GLN A 185 -14.99 -14.87 -3.60
CA GLN A 185 -14.28 -16.14 -3.55
C GLN A 185 -13.26 -16.14 -2.43
N ILE A 186 -13.46 -15.30 -1.42
CA ILE A 186 -12.46 -15.23 -0.35
C ILE A 186 -12.28 -16.57 0.37
N GLU A 187 -13.35 -17.37 0.49
CA GLU A 187 -13.20 -18.66 1.17
CA GLU A 187 -13.23 -18.69 1.15
C GLU A 187 -12.18 -19.55 0.46
N LYS A 188 -12.26 -19.61 -0.88
CA LYS A 188 -11.32 -20.42 -1.65
CA LYS A 188 -11.34 -20.40 -1.68
C LYS A 188 -9.95 -19.79 -1.68
N LEU A 189 -9.91 -18.46 -1.84
CA LEU A 189 -8.62 -17.77 -1.79
C LEU A 189 -7.86 -18.06 -0.49
N ALA A 190 -8.57 -18.05 0.64
CA ALA A 190 -7.94 -18.32 1.95
C ALA A 190 -7.35 -19.75 1.99
N LYS A 191 -8.05 -20.69 1.36
CA LYS A 191 -7.59 -22.09 1.29
C LYS A 191 -6.32 -22.21 0.46
N TYR A 192 -6.15 -21.31 -0.50
CA TYR A 192 -4.95 -21.30 -1.32
C TYR A 192 -3.85 -20.47 -0.64
N GLY A 193 -4.09 -20.01 0.58
CA GLY A 193 -3.06 -19.32 1.37
C GLY A 193 -3.06 -17.79 1.36
N VAL A 194 -3.97 -17.21 0.59
CA VAL A 194 -4.06 -15.74 0.52
C VAL A 194 -4.43 -15.17 1.90
N LEU A 195 -3.78 -14.07 2.27
CA LEU A 195 -3.86 -13.58 3.67
C LEU A 195 -5.03 -12.65 3.94
N GLY A 196 -5.34 -11.80 2.97
CA GLY A 196 -6.31 -10.75 3.23
C GLY A 196 -6.74 -10.06 1.95
N VAL A 197 -7.78 -9.25 2.08
CA VAL A 197 -8.41 -8.57 0.90
C VAL A 197 -8.29 -7.03 1.08
N GLU A 198 -7.83 -6.40 0.00
CA GLU A 198 -7.82 -4.92 -0.07
C GLU A 198 -8.16 -4.55 -1.51
N MET A 199 -7.85 -3.33 -1.93
CA MET A 199 -8.40 -2.84 -3.21
C MET A 199 -7.40 -2.06 -4.02
N GLU A 200 -6.12 -2.35 -3.87
CA GLU A 200 -5.09 -1.51 -4.49
C GLU A 200 -3.86 -2.20 -5.03
N THR A 201 -3.40 -3.26 -4.37
CA THR A 201 -2.05 -3.77 -4.61
C THR A 201 -1.76 -4.20 -6.04
N THR A 202 -2.69 -4.89 -6.68
CA THR A 202 -2.44 -5.34 -8.04
C THR A 202 -2.08 -4.16 -8.92
N ALA A 203 -2.79 -3.04 -8.76
CA ALA A 203 -2.49 -1.85 -9.62
C ALA A 203 -1.13 -1.24 -9.30
N LEU A 204 -0.83 -1.08 -8.02
CA LEU A 204 0.44 -0.49 -7.65
C LEU A 204 1.58 -1.34 -8.18
N TYR A 205 1.52 -2.65 -7.93
CA TYR A 205 2.63 -3.50 -8.30
C TYR A 205 2.82 -3.60 -9.81
N THR A 206 1.70 -3.70 -10.53
CA THR A 206 1.76 -3.88 -11.98
C THR A 206 2.31 -2.59 -12.62
N LEU A 207 1.76 -1.45 -12.22
CA LEU A 207 2.16 -0.17 -12.86
C LEU A 207 3.58 0.20 -12.50
N ALA A 208 3.98 -0.01 -11.26
CA ALA A 208 5.40 0.29 -10.90
C ALA A 208 6.37 -0.53 -11.73
N ALA A 209 6.12 -1.84 -11.84
CA ALA A 209 6.99 -2.72 -12.59
C ALA A 209 7.04 -2.37 -14.09
N LYS A 210 5.89 -2.00 -14.66
CA LYS A 210 5.72 -1.66 -16.10
C LYS A 210 6.64 -0.46 -16.42
N HIS A 211 6.88 0.36 -15.42
CA HIS A 211 7.73 1.57 -15.55
C HIS A 211 9.09 1.52 -14.89
N GLY A 212 9.51 0.34 -14.47
CA GLY A 212 10.82 0.12 -13.87
C GLY A 212 11.03 0.83 -12.54
N ARG A 213 9.95 1.02 -11.76
CA ARG A 213 10.06 1.61 -10.42
C ARG A 213 9.85 0.52 -9.35
N LYS A 214 10.09 0.86 -8.09
CA LYS A 214 10.06 -0.11 -6.99
C LYS A 214 8.80 0.08 -6.14
N ALA A 215 8.06 -1.01 -5.88
CA ALA A 215 6.83 -0.89 -5.12
C ALA A 215 6.73 -1.95 -4.04
N LEU A 216 5.99 -1.62 -2.99
CA LEU A 216 5.72 -2.55 -1.88
C LEU A 216 4.42 -2.12 -1.23
N SER A 217 3.62 -3.10 -0.79
CA SER A 217 2.43 -2.80 0.03
C SER A 217 2.64 -3.35 1.42
N ILE A 218 2.45 -2.50 2.42
CA ILE A 218 2.55 -2.89 3.83
C ILE A 218 1.13 -2.70 4.38
N LEU A 219 0.58 -3.72 5.03
CA LEU A 219 -0.84 -3.69 5.40
C LEU A 219 -1.06 -4.14 6.83
N THR A 220 -1.99 -3.46 7.48
CA THR A 220 -2.50 -3.92 8.78
C THR A 220 -3.83 -4.65 8.58
N VAL A 221 -4.32 -5.30 9.64
CA VAL A 221 -5.59 -6.03 9.59
C VAL A 221 -6.72 -5.18 10.11
N SER A 222 -7.77 -5.01 9.31
CA SER A 222 -8.91 -4.18 9.69
C SER A 222 -9.94 -5.01 10.48
N ASP A 223 -10.03 -6.28 10.14
CA ASP A 223 -10.99 -7.22 10.75
C ASP A 223 -10.76 -8.60 10.18
N HIS A 224 -11.41 -9.61 10.74
CA HIS A 224 -11.50 -10.90 10.08
C HIS A 224 -12.84 -10.97 9.40
N VAL A 225 -12.82 -10.91 8.06
CA VAL A 225 -13.99 -10.83 7.21
C VAL A 225 -14.92 -12.04 7.36
N LEU A 226 -14.33 -13.23 7.55
CA LEU A 226 -15.08 -14.48 7.57
C LEU A 226 -15.60 -14.86 8.94
N THR A 227 -15.18 -14.12 9.95
CA THR A 227 -15.73 -14.26 11.32
C THR A 227 -16.45 -12.97 11.78
N GLY A 228 -16.40 -11.93 10.94
CA GLY A 228 -16.98 -10.61 11.26
C GLY A 228 -16.26 -9.88 12.39
N GLU A 229 -15.44 -10.64 13.12
CA GLU A 229 -14.70 -10.20 14.31
C GLU A 229 -13.83 -8.97 14.06
N GLU A 230 -14.19 -7.88 14.74
CA GLU A 230 -13.54 -6.60 14.54
C GLU A 230 -12.17 -6.54 15.25
N THR A 231 -11.32 -5.65 14.75
CA THR A 231 -10.15 -5.22 15.50
C THR A 231 -10.58 -3.99 16.30
N THR A 232 -9.98 -3.80 17.46
CA THR A 232 -10.36 -2.67 18.33
C THR A 232 -9.62 -1.40 17.91
N ALA A 233 -10.13 -0.24 18.32
CA ALA A 233 -9.48 1.04 18.00
C ALA A 233 -8.04 1.07 18.48
N GLU A 234 -7.80 0.51 19.67
CA GLU A 234 -6.48 0.48 20.25
C GLU A 234 -5.52 -0.39 19.42
N GLU A 235 -5.98 -1.58 19.04
CA GLU A 235 -5.18 -2.47 18.18
C GLU A 235 -4.84 -1.77 16.86
N ARG A 236 -5.83 -1.10 16.28
CA ARG A 236 -5.64 -0.42 15.00
CA ARG A 236 -5.67 -0.40 15.00
C ARG A 236 -4.63 0.71 15.10
N GLN A 237 -4.65 1.45 16.21
CA GLN A 237 -3.71 2.53 16.41
C GLN A 237 -2.27 1.99 16.46
N THR A 238 -2.08 0.91 17.22
CA THR A 238 -0.78 0.29 17.40
C THR A 238 -0.21 -0.24 16.08
N THR A 239 -1.03 -0.99 15.37
CA THR A 239 -0.57 -1.58 14.10
C THR A 239 -0.31 -0.50 13.07
N PHE A 240 -1.15 0.53 13.04
CA PHE A 240 -0.90 1.68 12.16
C PHE A 240 0.49 2.27 12.39
N HIS A 241 0.87 2.45 13.66
CA HIS A 241 2.16 3.08 13.96
C HIS A 241 3.28 2.14 13.56
N ASP A 242 3.09 0.85 13.79
CA ASP A 242 4.08 -0.15 13.40
C ASP A 242 4.29 -0.12 11.88
N MET A 243 3.17 -0.05 11.15
CA MET A 243 3.25 -0.02 9.69
C MET A 243 4.04 1.18 9.21
N ILE A 244 3.74 2.36 9.77
CA ILE A 244 4.45 3.56 9.35
C ILE A 244 5.93 3.49 9.71
N ASP A 245 6.26 3.01 10.92
CA ASP A 245 7.67 2.82 11.29
C ASP A 245 8.42 1.89 10.34
N VAL A 246 7.79 0.78 9.96
CA VAL A 246 8.38 -0.12 8.98
C VAL A 246 8.57 0.58 7.64
N ALA A 247 7.54 1.28 7.18
CA ALA A 247 7.59 2.01 5.92
C ALA A 247 8.78 2.98 5.89
N LEU A 248 9.00 3.70 6.98
CA LEU A 248 10.07 4.73 7.05
C LEU A 248 11.46 4.14 7.25
N HIS A 249 11.47 2.82 7.16
N HIS A 249 11.49 3.17 8.19
CA HIS A 249 12.73 2.09 6.97
CA HIS A 249 12.74 2.64 8.80
C HIS A 249 12.81 1.09 5.81
C HIS A 249 13.43 1.89 7.69
N SER A 250 12.08 1.30 4.71
N SER A 250 12.62 1.20 6.90
CA SER A 250 12.14 0.35 3.60
CA SER A 250 13.08 0.40 5.78
C SER A 250 13.03 0.73 2.42
C SER A 250 13.74 1.33 4.79
N VAL A 251 13.29 2.01 2.23
N VAL A 251 13.37 2.60 4.90
CA VAL A 251 14.19 2.39 1.15
CA VAL A 251 13.76 3.63 3.95
C VAL A 251 15.67 2.24 1.54
C VAL A 251 14.92 4.44 4.53
N SER A 252 16.43 1.58 0.66
N SER A 252 15.45 3.98 5.67
CA SER A 252 17.90 1.48 0.73
CA SER A 252 16.56 4.66 6.33
C SER A 252 18.41 0.09 1.12
C SER A 252 17.36 3.75 7.28
#